data_6OAQ
#
_entry.id   6OAQ
#
_cell.length_a   73.526
_cell.length_b   73.526
_cell.length_c   253.591
_cell.angle_alpha   90.00
_cell.angle_beta   90.00
_cell.angle_gamma   90.00
#
_symmetry.space_group_name_H-M   'P 43 21 2'
#
loop_
_entity.id
_entity.type
_entity.pdbx_description
1 polymer 'Dual sensor histidine kinase'
2 non-polymer 'BERYLLIUM TRIFLUORIDE ION'
3 non-polymer PHYCOCYANOBILIN
4 non-polymer 'MAGNESIUM ION'
5 water water
#
_entity_poly.entity_id   1
_entity_poly.type   'polypeptide(L)'
_entity_poly.pdbx_seq_one_letter_code
;MPQTSRVLLIIDDSPEDRELYRRYLLRDRDHSYTVLEAGLGRRGLELWQQHHPDAVLLDYRLPDLDGLEFLAKLQPPPQQ
PYLPVIMITGQGNEAIAVQAMKAGAQDYLVKEQITPEELHLAVNGAIETVHLRTQLHQRIERERVVSQITQKIHQTLDLE
EILQTTVTEVRQFLQADRVFVYRFQPDFSGIVVLESVGDNCVPVIDAQVEDQYFVETRGEDYRQGRIQAVADIYTAGLTE
CHVNLLAQFHIRANLVVPILHADALWGLLVVNQCSAPRQWQPLEIDLLKELATQLGIALQQAELYQQALEHHHHHH
;
_entity_poly.pdbx_strand_id   A,B
#
# COMPACT_ATOMS: atom_id res chain seq x y z
N GLN A 3 7.51 -8.23 -32.60
CA GLN A 3 7.89 -8.88 -31.35
C GLN A 3 6.68 -9.22 -30.50
N THR A 4 6.88 -10.06 -29.49
CA THR A 4 5.82 -10.42 -28.56
C THR A 4 5.88 -9.56 -27.30
N SER A 5 4.79 -8.84 -27.01
CA SER A 5 4.76 -8.02 -25.81
C SER A 5 3.89 -8.66 -24.72
N ARG A 6 2.90 -9.45 -25.13
CA ARG A 6 2.00 -10.10 -24.17
C ARG A 6 1.62 -11.51 -24.55
N VAL A 7 1.65 -12.40 -23.57
CA VAL A 7 1.23 -13.79 -23.76
C VAL A 7 -0.11 -14.02 -23.09
N LEU A 8 -1.09 -14.45 -23.87
CA LEU A 8 -2.44 -14.59 -23.35
C LEU A 8 -2.98 -16.00 -23.55
N LEU A 9 -3.64 -16.51 -22.51
CA LEU A 9 -4.19 -17.86 -22.53
C LEU A 9 -5.72 -17.84 -22.60
N ILE A 10 -6.26 -18.42 -23.67
CA ILE A 10 -7.69 -18.58 -23.82
C ILE A 10 -8.11 -20.01 -23.47
N ILE A 11 -9.11 -20.14 -22.61
CA ILE A 11 -9.68 -21.44 -22.29
C ILE A 11 -11.17 -21.44 -22.56
N ASP A 12 -11.59 -22.17 -23.58
CA ASP A 12 -13.00 -22.22 -23.97
C ASP A 12 -13.25 -23.43 -24.87
N ASP A 13 -14.31 -24.18 -24.58
CA ASP A 13 -14.61 -25.39 -25.32
C ASP A 13 -15.18 -25.09 -26.71
N SER A 14 -15.24 -23.81 -27.05
CA SER A 14 -15.71 -23.37 -28.36
C SER A 14 -14.55 -22.84 -29.20
N PRO A 15 -14.17 -23.59 -30.24
CA PRO A 15 -13.05 -23.19 -31.11
C PRO A 15 -13.31 -21.85 -31.80
N GLU A 16 -14.52 -21.70 -32.35
CA GLU A 16 -14.90 -20.47 -33.04
C GLU A 16 -14.86 -19.25 -32.13
N ASP A 17 -15.19 -19.44 -30.85
CA ASP A 17 -15.12 -18.36 -29.88
C ASP A 17 -13.67 -17.96 -29.63
N ARG A 18 -12.80 -18.95 -29.53
CA ARG A 18 -11.37 -18.70 -29.33
C ARG A 18 -10.79 -17.93 -30.49
N GLU A 19 -11.23 -18.29 -31.70
CA GLU A 19 -10.74 -17.63 -32.89
C GLU A 19 -11.22 -16.18 -32.96
N LEU A 20 -12.45 -15.94 -32.49
CA LEU A 20 -13.00 -14.59 -32.48
C LEU A 20 -12.18 -13.66 -31.60
N TYR A 21 -11.83 -14.12 -30.41
CA TYR A 21 -10.96 -13.36 -29.50
C TYR A 21 -9.60 -13.12 -30.14
N ARG A 22 -9.09 -14.17 -30.77
CA ARG A 22 -7.81 -14.12 -31.47
C ARG A 22 -7.74 -12.97 -32.47
N ARG A 23 -8.81 -12.82 -33.26
CA ARG A 23 -8.88 -11.77 -34.26
C ARG A 23 -9.02 -10.40 -33.63
N TYR A 24 -9.89 -10.30 -32.63
CA TYR A 24 -10.14 -9.04 -31.95
C TYR A 24 -8.87 -8.49 -31.31
N LEU A 25 -8.05 -9.38 -30.77
CA LEU A 25 -6.81 -8.99 -30.11
C LEU A 25 -5.82 -8.40 -31.11
N LEU A 26 -5.93 -8.82 -32.36
CA LEU A 26 -5.06 -8.31 -33.41
C LEU A 26 -5.45 -6.89 -33.80
N ARG A 27 -6.64 -6.47 -33.41
CA ARG A 27 -7.09 -5.12 -33.68
C ARG A 27 -6.39 -4.14 -32.74
N ASP A 28 -5.79 -4.66 -31.67
CA ASP A 28 -5.08 -3.84 -30.69
C ASP A 28 -3.78 -3.32 -31.28
N ARG A 29 -3.64 -2.00 -31.34
CA ARG A 29 -2.46 -1.39 -31.94
C ARG A 29 -1.35 -1.16 -30.92
N ASP A 30 -1.64 -1.38 -29.65
CA ASP A 30 -0.69 -1.15 -28.58
C ASP A 30 0.18 -2.38 -28.30
N HIS A 31 -0.41 -3.57 -28.39
CA HIS A 31 0.31 -4.79 -28.04
C HIS A 31 0.19 -5.86 -29.13
N SER A 32 1.19 -6.74 -29.18
CA SER A 32 1.13 -7.91 -30.04
C SER A 32 0.94 -9.14 -29.16
N TYR A 33 -0.16 -9.85 -29.35
CA TYR A 33 -0.51 -10.96 -28.47
C TYR A 33 -0.10 -12.32 -29.02
N THR A 34 0.55 -13.12 -28.18
CA THR A 34 0.77 -14.52 -28.47
C THR A 34 -0.29 -15.31 -27.72
N VAL A 35 -1.05 -16.11 -28.45
CA VAL A 35 -2.24 -16.72 -27.86
C VAL A 35 -2.13 -18.22 -27.69
N LEU A 36 -2.27 -18.66 -26.44
CA LEU A 36 -2.37 -20.07 -26.10
C LEU A 36 -3.84 -20.47 -26.07
N GLU A 37 -4.14 -21.64 -26.61
CA GLU A 37 -5.53 -22.10 -26.65
C GLU A 37 -5.70 -23.44 -25.96
N ALA A 38 -6.80 -23.57 -25.22
CA ALA A 38 -7.18 -24.83 -24.61
C ALA A 38 -8.70 -24.94 -24.55
N GLY A 39 -9.23 -26.13 -24.79
CA GLY A 39 -10.67 -26.33 -24.80
C GLY A 39 -11.17 -26.98 -23.53
N LEU A 40 -10.23 -27.46 -22.72
CA LEU A 40 -10.57 -28.13 -21.46
C LEU A 40 -9.92 -27.42 -20.28
N GLY A 41 -10.59 -27.43 -19.14
CA GLY A 41 -10.09 -26.79 -17.94
C GLY A 41 -8.75 -27.34 -17.49
N ARG A 42 -8.59 -28.66 -17.58
CA ARG A 42 -7.37 -29.29 -17.11
C ARG A 42 -6.18 -28.93 -17.98
N ARG A 43 -6.41 -28.78 -19.27
CA ARG A 43 -5.35 -28.38 -20.20
C ARG A 43 -4.98 -26.91 -19.95
N GLY A 44 -5.98 -26.10 -19.65
CA GLY A 44 -5.76 -24.71 -19.29
C GLY A 44 -4.83 -24.58 -18.10
N LEU A 45 -5.02 -25.45 -17.12
CA LEU A 45 -4.18 -25.45 -15.91
C LEU A 45 -2.73 -25.76 -16.26
N GLU A 46 -2.54 -26.76 -17.11
CA GLU A 46 -1.21 -27.15 -17.55
C GLU A 46 -0.50 -26.03 -18.29
N LEU A 47 -1.19 -25.40 -19.24
CA LEU A 47 -0.61 -24.31 -20.00
C LEU A 47 -0.23 -23.14 -19.09
N TRP A 48 -1.14 -22.80 -18.18
CA TRP A 48 -0.90 -21.74 -17.19
C TRP A 48 0.34 -22.01 -16.35
N GLN A 49 0.42 -23.23 -15.81
CA GLN A 49 1.52 -23.61 -14.93
C GLN A 49 2.86 -23.67 -15.66
N GLN A 50 2.81 -23.97 -16.97
CA GLN A 50 4.02 -24.21 -17.74
C GLN A 50 4.55 -22.97 -18.45
N HIS A 51 3.66 -22.08 -18.87
CA HIS A 51 4.07 -21.01 -19.76
C HIS A 51 3.75 -19.61 -19.26
N HIS A 52 3.12 -19.55 -18.09
CA HIS A 52 2.91 -18.29 -17.36
C HIS A 52 2.38 -17.15 -18.23
N PRO A 53 1.14 -17.27 -18.72
CA PRO A 53 0.58 -16.21 -19.56
C PRO A 53 0.45 -14.89 -18.79
N ASP A 54 0.49 -13.77 -19.50
CA ASP A 54 0.35 -12.47 -18.86
C ASP A 54 -1.11 -12.21 -18.49
N ALA A 55 -2.02 -12.84 -19.22
CA ALA A 55 -3.45 -12.71 -18.95
C ALA A 55 -4.22 -13.94 -19.40
N VAL A 56 -5.38 -14.17 -18.81
CA VAL A 56 -6.19 -15.34 -19.13
C VAL A 56 -7.64 -15.00 -19.43
N LEU A 57 -8.13 -15.46 -20.57
CA LEU A 57 -9.55 -15.43 -20.87
C LEU A 57 -10.13 -16.80 -20.53
N LEU A 58 -10.97 -16.83 -19.51
CA LEU A 58 -11.48 -18.08 -18.96
C LEU A 58 -12.99 -18.23 -19.14
N ASP A 59 -13.40 -19.28 -19.86
CA ASP A 59 -14.81 -19.57 -20.07
C ASP A 59 -15.42 -20.11 -18.79
N TYR A 60 -16.73 -19.93 -18.61
CA TYR A 60 -17.38 -20.46 -17.42
C TYR A 60 -17.77 -21.92 -17.62
N ARG A 61 -18.64 -22.20 -18.59
CA ARG A 61 -19.04 -23.59 -18.81
C ARG A 61 -18.04 -24.35 -19.69
N LEU A 62 -17.29 -25.23 -19.04
CA LEU A 62 -16.35 -26.12 -19.73
C LEU A 62 -16.75 -27.56 -19.47
N PRO A 63 -16.31 -28.49 -20.32
CA PRO A 63 -16.73 -29.89 -20.19
C PRO A 63 -16.26 -30.58 -18.91
N ASP A 64 -14.96 -30.45 -18.60
CA ASP A 64 -14.38 -31.16 -17.46
C ASP A 64 -14.64 -30.47 -16.12
N LEU A 65 -14.63 -29.14 -16.11
CA LEU A 65 -14.94 -28.37 -14.90
C LEU A 65 -15.30 -26.94 -15.26
N ASP A 66 -16.19 -26.33 -14.48
CA ASP A 66 -16.61 -24.97 -14.80
C ASP A 66 -15.52 -23.95 -14.42
N GLY A 67 -15.66 -22.73 -14.93
CA GLY A 67 -14.66 -21.69 -14.74
C GLY A 67 -14.38 -21.34 -13.29
N LEU A 68 -15.39 -21.49 -12.44
CA LEU A 68 -15.24 -21.18 -11.02
C LEU A 68 -14.35 -22.21 -10.33
N GLU A 69 -14.57 -23.49 -10.64
CA GLU A 69 -13.72 -24.55 -10.13
C GLU A 69 -12.27 -24.33 -10.56
N PHE A 70 -12.12 -23.84 -11.79
CA PHE A 70 -10.80 -23.57 -12.36
C PHE A 70 -10.04 -22.54 -11.54
N LEU A 71 -10.69 -21.42 -11.24
CA LEU A 71 -10.07 -20.33 -10.48
C LEU A 71 -9.63 -20.79 -9.11
N ALA A 72 -10.36 -21.72 -8.52
CA ALA A 72 -10.02 -22.25 -7.20
C ALA A 72 -8.75 -23.09 -7.25
N LYS A 73 -8.55 -23.80 -8.36
CA LYS A 73 -7.39 -24.67 -8.52
C LYS A 73 -6.17 -23.87 -8.95
N LEU A 74 -6.41 -22.70 -9.52
CA LEU A 74 -5.34 -21.85 -10.02
C LEU A 74 -4.47 -21.33 -8.87
N GLN A 75 -3.19 -21.70 -8.88
CA GLN A 75 -2.29 -21.25 -7.83
C GLN A 75 -1.33 -20.20 -8.37
N PRO A 76 -1.36 -19.00 -7.80
CA PRO A 76 -0.50 -17.89 -8.22
C PRO A 76 0.85 -17.94 -7.60
N PRO A 77 1.85 -17.60 -8.39
CA PRO A 77 3.25 -17.56 -8.04
C PRO A 77 3.47 -16.61 -6.90
N PRO A 78 4.35 -16.96 -5.98
CA PRO A 78 4.70 -16.21 -4.78
C PRO A 78 4.95 -14.73 -5.02
N GLN A 79 5.72 -14.42 -6.06
CA GLN A 79 6.08 -13.05 -6.40
C GLN A 79 4.94 -12.11 -6.76
N GLN A 80 3.93 -12.61 -7.45
CA GLN A 80 2.79 -11.82 -7.82
C GLN A 80 1.59 -12.74 -7.70
N PRO A 81 1.01 -12.80 -6.50
CA PRO A 81 -0.10 -13.68 -6.11
C PRO A 81 -1.51 -13.26 -6.45
N TYR A 82 -1.73 -12.67 -7.62
CA TYR A 82 -3.05 -12.28 -8.02
C TYR A 82 -3.24 -12.81 -9.41
N LEU A 83 -4.45 -13.22 -9.72
CA LEU A 83 -4.76 -13.86 -11.00
C LEU A 83 -5.26 -12.88 -12.04
N PRO A 84 -4.50 -12.72 -13.14
CA PRO A 84 -4.88 -11.88 -14.27
C PRO A 84 -5.92 -12.56 -15.15
N VAL A 85 -7.02 -12.97 -14.54
CA VAL A 85 -8.04 -13.76 -15.22
C VAL A 85 -9.29 -12.96 -15.51
N ILE A 86 -9.77 -13.05 -16.75
CA ILE A 86 -11.03 -12.43 -17.15
C ILE A 86 -12.03 -13.50 -17.54
N MET A 87 -13.08 -13.65 -16.73
CA MET A 87 -14.10 -14.63 -17.06
C MET A 87 -15.02 -14.11 -18.16
N ILE A 88 -15.10 -14.87 -19.25
CA ILE A 88 -15.99 -14.52 -20.34
C ILE A 88 -16.94 -15.67 -20.62
N THR A 89 -18.24 -15.40 -20.53
CA THR A 89 -19.23 -16.44 -20.69
C THR A 89 -20.49 -15.94 -21.39
N GLY A 90 -21.12 -16.82 -22.15
CA GLY A 90 -22.40 -16.51 -22.77
C GLY A 90 -23.47 -17.22 -21.98
N GLN A 91 -23.05 -17.87 -20.91
CA GLN A 91 -23.94 -18.62 -20.03
C GLN A 91 -23.76 -18.20 -18.58
N GLY A 92 -23.77 -16.90 -18.31
CA GLY A 92 -23.54 -16.41 -16.97
C GLY A 92 -24.48 -15.32 -16.48
N ASN A 93 -24.43 -15.05 -15.19
CA ASN A 93 -25.24 -14.00 -14.57
C ASN A 93 -24.39 -13.12 -13.65
N GLU A 94 -25.01 -12.13 -13.04
CA GLU A 94 -24.32 -11.25 -12.10
C GLU A 94 -23.86 -12.03 -10.87
N ALA A 95 -24.58 -13.09 -10.54
CA ALA A 95 -24.23 -13.95 -9.40
C ALA A 95 -22.92 -14.69 -9.67
N ILE A 96 -22.83 -15.31 -10.84
CA ILE A 96 -21.60 -15.95 -11.28
C ILE A 96 -20.48 -14.92 -11.36
N ALA A 97 -20.83 -13.72 -11.81
CA ALA A 97 -19.87 -12.62 -11.89
C ALA A 97 -19.29 -12.31 -10.52
N VAL A 98 -20.17 -12.18 -9.53
CA VAL A 98 -19.76 -11.92 -8.16
C VAL A 98 -18.87 -13.04 -7.62
N GLN A 99 -19.27 -14.30 -7.86
CA GLN A 99 -18.47 -15.43 -7.41
C GLN A 99 -17.14 -15.48 -8.13
N ALA A 100 -17.13 -15.09 -9.40
CA ALA A 100 -15.90 -15.06 -10.18
C ALA A 100 -14.94 -14.00 -9.66
N MET A 101 -15.46 -12.82 -9.37
CA MET A 101 -14.67 -11.73 -8.79
C MET A 101 -14.10 -12.16 -7.44
N LYS A 102 -14.92 -12.87 -6.65
CA LYS A 102 -14.49 -13.37 -5.35
C LYS A 102 -13.42 -14.45 -5.47
N ALA A 103 -13.49 -15.24 -6.55
CA ALA A 103 -12.58 -16.36 -6.73
C ALA A 103 -11.21 -15.89 -7.23
N GLY A 104 -11.10 -14.61 -7.55
CA GLY A 104 -9.83 -14.07 -7.98
C GLY A 104 -9.81 -13.46 -9.38
N ALA A 105 -10.93 -13.55 -10.10
CA ALA A 105 -11.02 -12.92 -11.41
C ALA A 105 -10.93 -11.41 -11.28
N GLN A 106 -10.35 -10.75 -12.29
CA GLN A 106 -10.21 -9.30 -12.26
C GLN A 106 -11.38 -8.61 -12.96
N ASP A 107 -11.97 -9.29 -13.93
CA ASP A 107 -13.07 -8.72 -14.69
C ASP A 107 -14.01 -9.81 -15.19
N TYR A 108 -15.16 -9.38 -15.73
CA TYR A 108 -16.20 -10.30 -16.14
C TYR A 108 -16.92 -9.73 -17.35
N LEU A 109 -16.97 -10.50 -18.44
CA LEU A 109 -17.57 -10.02 -19.68
C LEU A 109 -18.63 -10.97 -20.22
N VAL A 110 -19.70 -10.42 -20.79
CA VAL A 110 -20.70 -11.20 -21.48
C VAL A 110 -20.27 -11.40 -22.93
N LYS A 111 -20.45 -12.62 -23.43
CA LYS A 111 -19.98 -12.97 -24.76
C LYS A 111 -20.55 -12.23 -25.94
N GLU A 112 -21.86 -12.02 -25.97
CA GLU A 112 -22.45 -11.34 -27.10
C GLU A 112 -22.07 -9.88 -27.32
N GLN A 113 -21.78 -9.16 -26.26
CA GLN A 113 -21.48 -7.75 -26.42
C GLN A 113 -20.02 -7.41 -26.61
N ILE A 114 -19.15 -8.39 -26.56
CA ILE A 114 -17.72 -8.13 -26.69
C ILE A 114 -17.36 -7.44 -28.00
N THR A 115 -16.70 -6.29 -27.89
CA THR A 115 -16.09 -5.63 -29.03
C THR A 115 -14.59 -5.86 -28.94
N PRO A 116 -13.86 -5.57 -30.03
CA PRO A 116 -12.40 -5.57 -29.92
C PRO A 116 -11.91 -4.64 -28.82
N GLU A 117 -12.41 -3.41 -28.82
CA GLU A 117 -11.94 -2.40 -27.88
C GLU A 117 -12.27 -2.75 -26.43
N GLU A 118 -13.44 -3.33 -26.20
CA GLU A 118 -13.81 -3.74 -24.85
C GLU A 118 -12.86 -4.84 -24.36
N LEU A 119 -12.55 -5.77 -25.25
CA LEU A 119 -11.65 -6.86 -24.92
C LEU A 119 -10.26 -6.33 -24.58
N HIS A 120 -9.78 -5.37 -25.36
CA HIS A 120 -8.48 -4.77 -25.13
C HIS A 120 -8.39 -4.15 -23.75
N LEU A 121 -9.39 -3.35 -23.43
CA LEU A 121 -9.37 -2.61 -22.16
C LEU A 121 -9.55 -3.54 -20.97
N ALA A 122 -10.30 -4.62 -21.14
CA ALA A 122 -10.47 -5.58 -20.04
C ALA A 122 -9.16 -6.31 -19.75
N VAL A 123 -8.39 -6.61 -20.80
CA VAL A 123 -7.11 -7.26 -20.64
C VAL A 123 -6.07 -6.30 -20.05
N ASN A 124 -6.06 -5.07 -20.54
CA ASN A 124 -5.21 -4.02 -19.97
C ASN A 124 -5.53 -3.79 -18.49
N GLY A 125 -6.82 -3.75 -18.18
CA GLY A 125 -7.27 -3.51 -16.83
C GLY A 125 -6.91 -4.64 -15.89
N ALA A 126 -7.07 -5.86 -16.38
CA ALA A 126 -6.75 -7.05 -15.59
C ALA A 126 -5.26 -7.09 -15.25
N ILE A 127 -4.42 -6.81 -16.24
CA ILE A 127 -2.98 -6.85 -16.04
C ILE A 127 -2.55 -5.73 -15.10
N GLU A 128 -3.09 -4.53 -15.32
CA GLU A 128 -2.77 -3.40 -14.46
C GLU A 128 -3.25 -3.60 -13.03
N THR A 129 -4.45 -4.16 -12.87
CA THR A 129 -5.00 -4.34 -11.53
C THR A 129 -4.19 -5.35 -10.73
N VAL A 130 -3.75 -6.42 -11.39
CA VAL A 130 -2.90 -7.41 -10.73
C VAL A 130 -1.61 -6.76 -10.24
N HIS A 131 -1.02 -5.94 -11.11
CA HIS A 131 0.19 -5.21 -10.75
C HIS A 131 -0.06 -4.32 -9.54
N LEU A 132 -1.19 -3.61 -9.57
CA LEU A 132 -1.56 -2.71 -8.48
C LEU A 132 -1.70 -3.44 -7.16
N ARG A 133 -2.40 -4.57 -7.17
CA ARG A 133 -2.59 -5.37 -5.97
C ARG A 133 -1.26 -5.89 -5.45
N THR A 134 -0.36 -6.19 -6.35
CA THR A 134 0.93 -6.71 -5.99
C THR A 134 1.75 -5.64 -5.31
N GLN A 135 1.72 -4.45 -5.85
CA GLN A 135 2.43 -3.35 -5.24
C GLN A 135 1.92 -3.11 -3.83
N LEU A 136 0.61 -3.12 -3.67
CA LEU A 136 0.00 -2.90 -2.37
C LEU A 136 0.33 -4.06 -1.42
N HIS A 137 0.36 -5.27 -1.92
CA HIS A 137 0.67 -6.45 -1.14
C HIS A 137 2.04 -6.37 -0.54
N GLN A 138 3.00 -5.89 -1.30
CA GLN A 138 4.38 -5.79 -0.84
C GLN A 138 4.58 -4.59 0.11
N ARG A 139 3.84 -3.52 -0.11
CA ARG A 139 3.92 -2.36 0.77
C ARG A 139 3.53 -2.76 2.17
N ILE A 140 2.42 -3.50 2.27
CA ILE A 140 1.93 -4.00 3.54
C ILE A 140 2.96 -4.91 4.23
N GLU A 141 3.55 -5.83 3.49
CA GLU A 141 4.52 -6.77 4.05
C GLU A 141 5.77 -6.03 4.52
N ARG A 142 6.22 -5.08 3.71
CA ARG A 142 7.36 -4.26 4.05
C ARG A 142 7.08 -3.46 5.32
N GLU A 143 5.89 -2.90 5.43
CA GLU A 143 5.52 -2.16 6.62
C GLU A 143 5.52 -3.06 7.85
N ARG A 144 5.04 -4.30 7.69
CA ARG A 144 5.00 -5.24 8.80
C ARG A 144 6.39 -5.57 9.33
N VAL A 145 7.33 -5.84 8.43
CA VAL A 145 8.71 -6.15 8.80
C VAL A 145 9.35 -4.99 9.57
N VAL A 146 9.26 -3.79 9.01
CA VAL A 146 9.82 -2.61 9.65
C VAL A 146 9.18 -2.35 11.01
N SER A 147 7.85 -2.42 11.05
CA SER A 147 7.10 -2.21 12.29
C SER A 147 7.44 -3.23 13.39
N GLN A 148 7.72 -4.47 12.99
CA GLN A 148 8.04 -5.54 13.94
C GLN A 148 9.37 -5.27 14.64
N ILE A 149 10.35 -4.77 13.88
CA ILE A 149 11.65 -4.48 14.45
C ILE A 149 11.57 -3.33 15.43
N THR A 150 10.79 -2.31 15.08
CA THR A 150 10.58 -1.16 15.97
C THR A 150 10.01 -1.61 17.32
N GLN A 151 9.05 -2.54 17.29
CA GLN A 151 8.45 -3.04 18.51
C GLN A 151 9.46 -3.79 19.38
N LYS A 152 10.37 -4.51 18.74
CA LYS A 152 11.36 -5.27 19.48
C LYS A 152 12.40 -4.37 20.11
N ILE A 153 12.74 -3.28 19.43
CA ILE A 153 13.65 -2.29 19.98
C ILE A 153 12.99 -1.60 21.18
N HIS A 154 11.72 -1.28 21.02
CA HIS A 154 10.96 -0.62 22.06
C HIS A 154 10.81 -1.49 23.27
N GLN A 155 10.75 -2.79 23.07
CA GLN A 155 10.66 -3.75 24.17
C GLN A 155 12.03 -4.03 24.78
N THR A 156 13.06 -3.40 24.22
CA THR A 156 14.44 -3.56 24.68
C THR A 156 14.84 -5.04 24.68
N LEU A 157 14.48 -5.73 23.61
CA LEU A 157 14.89 -7.12 23.44
C LEU A 157 16.37 -7.16 23.11
N ASP A 158 17.02 -8.27 23.43
CA ASP A 158 18.46 -8.42 23.21
C ASP A 158 18.79 -8.24 21.74
N LEU A 159 19.95 -7.65 21.48
CA LEU A 159 20.37 -7.25 20.14
C LEU A 159 20.34 -8.39 19.12
N GLU A 160 20.73 -9.59 19.54
CA GLU A 160 20.82 -10.70 18.61
C GLU A 160 19.44 -11.23 18.22
N GLU A 161 18.45 -11.04 19.09
CA GLU A 161 17.09 -11.42 18.75
C GLU A 161 16.55 -10.47 17.68
N ILE A 162 16.92 -9.21 17.81
CA ILE A 162 16.55 -8.21 16.83
C ILE A 162 17.26 -8.50 15.50
N LEU A 163 18.53 -8.88 15.59
CA LEU A 163 19.31 -9.24 14.41
C LEU A 163 18.79 -10.51 13.75
N GLN A 164 18.43 -11.50 14.57
CA GLN A 164 17.92 -12.76 14.05
C GLN A 164 16.59 -12.56 13.35
N THR A 165 15.71 -11.79 13.98
CA THR A 165 14.41 -11.46 13.38
C THR A 165 14.62 -10.71 12.07
N THR A 166 15.54 -9.74 12.10
CA THR A 166 15.82 -8.92 10.92
C THR A 166 16.20 -9.75 9.71
N VAL A 167 17.23 -10.59 9.83
CA VAL A 167 17.73 -11.36 8.70
C VAL A 167 16.73 -12.41 8.21
N THR A 168 15.98 -13.00 9.14
CA THR A 168 15.03 -14.04 8.80
C THR A 168 13.83 -13.47 8.04
N GLU A 169 13.27 -12.39 8.58
CA GLU A 169 12.09 -11.78 7.97
C GLU A 169 12.41 -11.10 6.64
N VAL A 170 13.61 -10.53 6.54
CA VAL A 170 13.99 -9.84 5.30
C VAL A 170 14.32 -10.83 4.19
N ARG A 171 14.72 -12.04 4.56
CA ARG A 171 14.98 -13.06 3.55
C ARG A 171 13.67 -13.62 3.03
N GLN A 172 12.70 -13.79 3.91
N GLN A 172 12.70 -13.80 3.92
CA GLN A 172 11.40 -14.30 3.51
CA GLN A 172 11.38 -14.29 3.52
C GLN A 172 10.68 -13.30 2.60
C GLN A 172 10.70 -13.29 2.59
N PHE A 173 10.83 -12.02 2.91
CA PHE A 173 10.22 -10.96 2.11
C PHE A 173 10.83 -10.86 0.71
N LEU A 174 12.16 -10.88 0.65
CA LEU A 174 12.87 -10.75 -0.62
C LEU A 174 12.89 -12.06 -1.40
N GLN A 175 12.54 -13.14 -0.71
CA GLN A 175 12.67 -14.50 -1.25
C GLN A 175 14.09 -14.72 -1.78
N ALA A 176 15.08 -14.30 -0.99
CA ALA A 176 16.47 -14.45 -1.38
C ALA A 176 17.04 -15.76 -0.85
N ASP A 177 18.20 -16.13 -1.37
CA ASP A 177 18.82 -17.40 -1.00
C ASP A 177 19.61 -17.28 0.30
N ARG A 178 20.08 -16.07 0.61
CA ARG A 178 20.90 -15.87 1.80
C ARG A 178 20.87 -14.42 2.26
N VAL A 179 20.76 -14.23 3.57
CA VAL A 179 20.91 -12.91 4.18
C VAL A 179 21.76 -13.04 5.44
N PHE A 180 22.77 -12.19 5.58
CA PHE A 180 23.61 -12.27 6.77
C PHE A 180 24.12 -10.92 7.24
N VAL A 181 24.45 -10.85 8.53
CA VAL A 181 25.04 -9.65 9.13
C VAL A 181 26.54 -9.84 9.32
N TYR A 182 27.31 -8.88 8.85
CA TYR A 182 28.77 -8.99 8.85
C TYR A 182 29.38 -7.94 9.77
N ARG A 183 29.68 -8.32 11.01
CA ARG A 183 30.18 -7.38 12.00
C ARG A 183 31.70 -7.17 11.94
N PHE A 184 32.12 -5.91 11.95
CA PHE A 184 33.54 -5.58 11.96
C PHE A 184 34.11 -5.61 13.38
N GLN A 185 35.41 -5.86 13.47
CA GLN A 185 36.11 -5.85 14.75
C GLN A 185 36.96 -4.58 14.83
N PRO A 186 37.47 -4.25 16.04
CA PRO A 186 38.45 -3.15 16.11
C PRO A 186 39.65 -3.45 15.23
N ASP A 187 39.84 -4.73 14.95
CA ASP A 187 40.90 -5.23 14.09
C ASP A 187 40.65 -4.87 12.62
N PHE A 188 39.45 -4.35 12.35
CA PHE A 188 38.94 -4.15 10.99
C PHE A 188 38.66 -5.51 10.32
N SER A 189 38.92 -6.59 11.05
CA SER A 189 38.53 -7.91 10.60
C SER A 189 37.03 -8.03 10.74
N GLY A 190 36.41 -8.84 9.90
CA GLY A 190 34.97 -9.01 9.94
C GLY A 190 34.57 -10.47 9.92
N ILE A 191 33.62 -10.82 10.77
CA ILE A 191 33.07 -12.16 10.80
C ILE A 191 31.57 -12.13 10.56
N VAL A 192 31.05 -13.14 9.89
CA VAL A 192 29.62 -13.27 9.74
C VAL A 192 29.02 -13.67 11.08
N VAL A 193 28.40 -12.71 11.77
CA VAL A 193 27.82 -12.93 13.09
C VAL A 193 26.55 -13.75 13.01
N LEU A 194 25.73 -13.46 12.01
CA LEU A 194 24.41 -14.07 11.91
C LEU A 194 24.07 -14.36 10.45
N GLU A 195 23.33 -15.45 10.22
CA GLU A 195 23.02 -15.85 8.86
C GLU A 195 21.64 -16.50 8.73
N SER A 196 20.94 -16.15 7.66
CA SER A 196 19.72 -16.83 7.25
C SER A 196 19.91 -17.30 5.81
N VAL A 197 19.88 -18.63 5.60
CA VAL A 197 20.27 -19.19 4.31
C VAL A 197 19.33 -20.31 3.85
N GLY A 198 19.06 -20.36 2.55
CA GLY A 198 18.26 -21.42 1.96
C GLY A 198 19.09 -22.62 1.57
N ASP A 199 18.72 -23.29 0.49
CA ASP A 199 19.45 -24.46 0.01
C ASP A 199 20.28 -24.16 -1.24
N ASN A 200 19.96 -23.06 -1.93
CA ASN A 200 20.69 -22.69 -3.13
C ASN A 200 22.08 -22.16 -2.81
N CYS A 201 22.29 -21.78 -1.55
CA CYS A 201 23.56 -21.22 -1.11
C CYS A 201 24.34 -22.16 -0.21
N VAL A 202 25.66 -22.02 -0.25
CA VAL A 202 26.53 -22.69 0.71
C VAL A 202 26.59 -21.85 1.99
N PRO A 203 26.17 -22.41 3.11
CA PRO A 203 26.20 -21.65 4.35
C PRO A 203 27.59 -21.24 4.69
N VAL A 204 27.74 -20.02 5.15
CA VAL A 204 29.03 -19.49 5.50
C VAL A 204 29.18 -19.14 6.95
N ILE A 205 28.21 -19.43 7.79
CA ILE A 205 28.34 -19.04 9.18
C ILE A 205 29.53 -19.72 9.84
N ASP A 206 29.73 -20.99 9.55
CA ASP A 206 30.83 -21.75 10.08
C ASP A 206 31.93 -21.81 9.04
N ALA A 207 31.58 -22.15 7.81
CA ALA A 207 32.61 -22.25 6.79
C ALA A 207 33.07 -20.86 6.39
N GLN A 208 34.06 -20.33 7.11
CA GLN A 208 34.48 -18.95 6.91
C GLN A 208 35.89 -18.66 7.43
N VAL A 209 36.80 -18.34 6.51
CA VAL A 209 38.10 -17.81 6.90
C VAL A 209 38.13 -16.34 6.47
N GLU A 210 38.91 -15.54 7.20
CA GLU A 210 38.85 -14.09 7.09
C GLU A 210 39.32 -13.50 5.76
N ASP A 211 38.56 -12.52 5.27
CA ASP A 211 38.96 -11.70 4.14
C ASP A 211 39.05 -10.24 4.58
N GLN A 212 40.08 -9.55 4.11
CA GLN A 212 40.23 -8.13 4.45
C GLN A 212 40.10 -7.22 3.24
N TYR A 213 39.84 -5.93 3.49
CA TYR A 213 39.48 -4.99 2.44
C TYR A 213 40.70 -4.34 1.81
N ARG A 218 39.58 0.14 3.56
CA ARG A 218 38.91 1.18 2.79
C ARG A 218 37.40 1.05 2.81
N GLY A 219 36.78 1.51 3.89
CA GLY A 219 35.32 1.53 4.00
C GLY A 219 34.77 2.94 3.87
N GLU A 220 35.40 3.72 3.00
CA GLU A 220 35.05 5.12 2.79
C GLU A 220 33.61 5.29 2.31
N ASP A 221 33.19 4.43 1.40
CA ASP A 221 31.84 4.47 0.86
C ASP A 221 30.81 4.02 1.89
N TYR A 222 31.11 2.93 2.58
CA TYR A 222 30.17 2.35 3.53
C TYR A 222 29.97 3.25 4.74
N ARG A 223 30.99 4.01 5.10
CA ARG A 223 30.86 4.97 6.18
C ARG A 223 30.03 6.16 5.73
N GLN A 224 30.02 6.40 4.43
CA GLN A 224 29.24 7.49 3.87
C GLN A 224 27.79 7.06 3.63
N GLY A 225 27.51 5.79 3.89
CA GLY A 225 26.16 5.26 3.78
C GLY A 225 25.81 4.70 2.41
N ARG A 226 26.81 4.58 1.54
CA ARG A 226 26.58 4.09 0.18
C ARG A 226 26.44 2.57 0.15
N ILE A 227 25.62 2.07 -0.77
CA ILE A 227 25.37 0.64 -0.84
C ILE A 227 25.93 0.03 -2.12
N GLN A 228 26.05 -1.29 -2.13
CA GLN A 228 26.47 -2.01 -3.32
C GLN A 228 25.32 -2.87 -3.84
N ALA A 229 24.93 -2.63 -5.09
CA ALA A 229 23.83 -3.37 -5.69
C ALA A 229 24.30 -4.07 -6.97
N VAL A 230 24.67 -5.34 -6.83
CA VAL A 230 25.19 -6.11 -7.95
C VAL A 230 24.19 -7.14 -8.45
N ALA A 231 23.74 -7.00 -9.69
CA ALA A 231 22.79 -7.93 -10.26
C ALA A 231 23.49 -9.21 -10.67
N ASP A 232 24.67 -9.07 -11.25
CA ASP A 232 25.47 -10.21 -11.72
C ASP A 232 26.93 -9.95 -11.40
N ILE A 233 27.56 -10.84 -10.64
CA ILE A 233 28.95 -10.66 -10.23
C ILE A 233 29.91 -10.69 -11.41
N TYR A 234 29.47 -11.25 -12.53
CA TYR A 234 30.33 -11.40 -13.70
C TYR A 234 30.25 -10.20 -14.65
N THR A 235 29.27 -9.34 -14.44
CA THR A 235 29.11 -8.17 -15.31
C THR A 235 29.19 -6.87 -14.50
N ALA A 236 29.65 -6.97 -13.26
CA ALA A 236 29.73 -5.81 -12.38
C ALA A 236 31.13 -5.18 -12.39
N GLY A 237 32.02 -5.75 -13.18
CA GLY A 237 33.37 -5.23 -13.30
C GLY A 237 34.17 -5.29 -12.01
N LEU A 238 33.91 -6.32 -11.22
CA LEU A 238 34.64 -6.53 -9.97
C LEU A 238 36.04 -7.05 -10.27
N THR A 239 36.95 -6.90 -9.31
CA THR A 239 38.25 -7.54 -9.42
C THR A 239 38.05 -9.04 -9.36
N GLU A 240 38.83 -9.78 -10.14
CA GLU A 240 38.60 -11.22 -10.28
C GLU A 240 38.77 -11.96 -8.95
N CYS A 241 39.65 -11.44 -8.09
CA CYS A 241 39.83 -12.02 -6.77
C CYS A 241 38.54 -11.91 -5.97
N HIS A 242 37.89 -10.75 -6.06
CA HIS A 242 36.61 -10.51 -5.39
C HIS A 242 35.56 -11.44 -5.99
N VAL A 243 35.58 -11.57 -7.31
CA VAL A 243 34.66 -12.47 -8.01
C VAL A 243 34.87 -13.92 -7.56
N ASN A 244 36.12 -14.36 -7.54
CA ASN A 244 36.45 -15.72 -7.10
C ASN A 244 35.89 -16.05 -5.72
N LEU A 245 35.96 -15.09 -4.80
CA LEU A 245 35.48 -15.31 -3.43
C LEU A 245 33.96 -15.45 -3.37
N LEU A 246 33.26 -14.60 -4.10
CA LEU A 246 31.80 -14.66 -4.14
C LEU A 246 31.34 -15.95 -4.81
N ALA A 247 31.98 -16.31 -5.92
CA ALA A 247 31.64 -17.53 -6.64
C ALA A 247 31.90 -18.79 -5.82
N GLN A 248 32.91 -18.74 -4.97
CA GLN A 248 33.27 -19.84 -4.10
C GLN A 248 32.13 -20.17 -3.14
N PHE A 249 31.29 -19.19 -2.86
CA PHE A 249 30.10 -19.41 -2.03
C PHE A 249 28.85 -19.35 -2.88
N HIS A 250 29.03 -19.50 -4.19
CA HIS A 250 27.93 -19.59 -5.15
C HIS A 250 27.08 -18.32 -5.22
N ILE A 251 27.62 -17.21 -4.74
CA ILE A 251 26.90 -15.95 -4.79
C ILE A 251 26.88 -15.40 -6.22
N ARG A 252 25.68 -15.18 -6.74
CA ARG A 252 25.50 -14.69 -8.10
C ARG A 252 25.05 -13.22 -8.12
N ALA A 253 24.15 -12.87 -7.21
CA ALA A 253 23.74 -11.47 -7.05
C ALA A 253 24.05 -11.00 -5.65
N ASN A 254 24.53 -9.77 -5.54
CA ASN A 254 25.00 -9.27 -4.26
C ASN A 254 24.42 -7.90 -3.93
N LEU A 255 23.83 -7.79 -2.74
CA LEU A 255 23.30 -6.52 -2.25
C LEU A 255 23.86 -6.23 -0.86
N VAL A 256 24.65 -5.17 -0.74
CA VAL A 256 25.32 -4.84 0.51
C VAL A 256 24.90 -3.48 1.05
N VAL A 257 24.44 -3.46 2.29
CA VAL A 257 23.99 -2.24 2.95
C VAL A 257 24.72 -2.05 4.28
N PRO A 258 25.34 -0.88 4.48
CA PRO A 258 26.17 -0.62 5.67
C PRO A 258 25.37 -0.32 6.94
N ILE A 259 25.85 -0.84 8.06
CA ILE A 259 25.24 -0.58 9.36
C ILE A 259 26.06 0.45 10.12
N LEU A 260 25.42 1.55 10.50
CA LEU A 260 26.12 2.64 11.17
C LEU A 260 25.67 2.81 12.62
N HIS A 261 26.57 2.49 13.54
CA HIS A 261 26.40 2.83 14.95
C HIS A 261 27.23 4.07 15.23
N ALA A 262 26.63 5.06 15.89
CA ALA A 262 27.21 6.39 15.97
C ALA A 262 27.51 6.87 14.56
N ASP A 263 28.78 7.17 14.29
CA ASP A 263 29.19 7.48 12.93
C ASP A 263 30.19 6.43 12.43
N ALA A 264 30.54 5.49 13.32
CA ALA A 264 31.47 4.43 12.98
C ALA A 264 30.78 3.32 12.19
N LEU A 265 31.49 2.72 11.24
CA LEU A 265 30.95 1.60 10.48
C LEU A 265 30.95 0.34 11.34
N TRP A 266 29.77 -0.08 11.77
CA TRP A 266 29.65 -1.23 12.64
C TRP A 266 29.76 -2.54 11.87
N GLY A 267 28.95 -2.67 10.82
CA GLY A 267 28.94 -3.88 10.01
C GLY A 267 28.12 -3.76 8.73
N LEU A 268 27.91 -4.89 8.07
CA LEU A 268 27.21 -4.89 6.79
C LEU A 268 25.96 -5.76 6.81
N LEU A 269 24.88 -5.27 6.20
CA LEU A 269 23.69 -6.06 6.00
C LEU A 269 23.68 -6.55 4.56
N VAL A 270 23.91 -7.85 4.37
CA VAL A 270 24.12 -8.40 3.03
C VAL A 270 23.05 -9.39 2.61
N VAL A 271 22.62 -9.26 1.35
CA VAL A 271 21.64 -10.17 0.75
C VAL A 271 22.25 -10.87 -0.46
N ASN A 272 22.04 -12.17 -0.58
CA ASN A 272 22.57 -12.92 -1.72
C ASN A 272 21.51 -13.67 -2.51
N GLN A 273 21.67 -13.67 -3.83
CA GLN A 273 20.97 -14.61 -4.69
C GLN A 273 22.02 -15.57 -5.24
N CYS A 274 21.79 -16.86 -5.08
CA CYS A 274 22.78 -17.86 -5.51
C CYS A 274 22.28 -18.70 -6.67
N SER A 275 20.97 -18.68 -6.89
CA SER A 275 20.38 -19.44 -7.98
C SER A 275 20.67 -18.82 -9.34
N ALA A 276 20.53 -17.50 -9.41
CA ALA A 276 20.65 -16.78 -10.67
C ALA A 276 20.89 -15.29 -10.40
N PRO A 277 21.30 -14.53 -11.45
CA PRO A 277 21.43 -13.09 -11.27
C PRO A 277 20.11 -12.44 -10.82
N ARG A 278 20.20 -11.29 -10.17
CA ARG A 278 19.01 -10.62 -9.67
C ARG A 278 19.15 -9.11 -9.65
N GLN A 279 18.34 -8.44 -10.48
CA GLN A 279 18.27 -6.98 -10.46
C GLN A 279 17.53 -6.51 -9.22
N TRP A 280 18.25 -5.87 -8.31
CA TRP A 280 17.67 -5.38 -7.07
C TRP A 280 16.78 -4.18 -7.35
N GLN A 281 15.58 -4.19 -6.77
CA GLN A 281 14.58 -3.15 -7.00
C GLN A 281 14.62 -2.09 -5.91
N PRO A 282 14.25 -0.84 -6.25
CA PRO A 282 14.19 0.29 -5.32
C PRO A 282 13.49 -0.03 -4.00
N LEU A 283 12.36 -0.72 -4.06
CA LEU A 283 11.61 -1.08 -2.85
C LEU A 283 12.50 -1.93 -1.93
N GLU A 284 13.19 -2.89 -2.53
CA GLU A 284 14.04 -3.80 -1.78
C GLU A 284 15.24 -3.10 -1.15
N ILE A 285 15.83 -2.16 -1.89
CA ILE A 285 16.97 -1.40 -1.38
C ILE A 285 16.54 -0.44 -0.29
N ASP A 286 15.44 0.27 -0.52
CA ASP A 286 14.90 1.19 0.48
C ASP A 286 14.60 0.48 1.80
N LEU A 287 14.10 -0.75 1.70
CA LEU A 287 13.79 -1.54 2.89
C LEU A 287 15.04 -1.88 3.68
N LEU A 288 16.07 -2.38 2.99
CA LEU A 288 17.33 -2.72 3.65
C LEU A 288 17.94 -1.50 4.33
N LYS A 289 17.92 -0.36 3.64
CA LYS A 289 18.41 0.88 4.21
C LYS A 289 17.69 1.21 5.51
N GLU A 290 16.37 1.22 5.46
CA GLU A 290 15.56 1.49 6.64
C GLU A 290 15.90 0.51 7.76
N LEU A 291 16.00 -0.77 7.43
CA LEU A 291 16.35 -1.78 8.41
C LEU A 291 17.75 -1.54 8.98
N ALA A 292 18.67 -1.10 8.14
CA ALA A 292 20.02 -0.81 8.60
C ALA A 292 20.00 0.33 9.61
N THR A 293 19.24 1.37 9.28
CA THR A 293 19.09 2.52 10.17
C THR A 293 18.54 2.10 11.53
N GLN A 294 17.56 1.20 11.50
CA GLN A 294 16.93 0.74 12.73
C GLN A 294 17.90 -0.06 13.58
N LEU A 295 18.75 -0.87 12.93
CA LEU A 295 19.79 -1.60 13.63
C LEU A 295 20.74 -0.62 14.33
N GLY A 296 21.07 0.46 13.64
CA GLY A 296 21.93 1.50 14.20
C GLY A 296 21.32 2.11 15.45
N ILE A 297 20.00 2.23 15.44
CA ILE A 297 19.28 2.70 16.62
C ILE A 297 19.40 1.69 17.75
N ALA A 298 19.09 0.43 17.43
CA ALA A 298 19.13 -0.65 18.42
C ALA A 298 20.52 -0.81 19.01
N LEU A 299 21.54 -0.64 18.17
CA LEU A 299 22.93 -0.70 18.62
C LEU A 299 23.22 0.39 19.65
N GLN A 300 22.74 1.60 19.38
CA GLN A 300 22.96 2.72 20.29
C GLN A 300 22.22 2.51 21.61
N GLN A 301 20.99 2.01 21.54
CA GLN A 301 20.21 1.70 22.74
C GLN A 301 20.95 0.68 23.60
N ALA A 302 21.59 -0.28 22.93
CA ALA A 302 22.27 -1.38 23.60
C ALA A 302 23.40 -0.89 24.51
N GLU A 303 24.24 0.00 23.99
CA GLU A 303 25.42 0.44 24.74
C GLU A 303 25.05 1.47 25.81
N LEU A 304 23.97 2.21 25.58
CA LEU A 304 23.49 3.16 26.58
C LEU A 304 22.94 2.41 27.80
N TYR A 305 22.32 1.27 27.54
CA TYR A 305 21.80 0.42 28.59
C TYR A 305 22.94 -0.24 29.37
N GLN A 306 24.01 -0.57 28.66
CA GLN A 306 25.13 -1.29 29.26
C GLN A 306 25.96 -0.39 30.16
N GLN A 307 26.12 0.87 29.78
CA GLN A 307 26.91 1.80 30.57
C GLN A 307 26.04 2.53 31.59
N ALA A 308 24.84 2.02 31.81
CA ALA A 308 23.93 2.58 32.81
C ALA A 308 24.09 1.83 34.14
N GLN B 3 -24.94 -3.10 4.24
CA GLN B 3 -25.55 -2.14 3.33
C GLN B 3 -24.89 -0.78 3.41
N THR B 4 -23.68 -0.67 2.87
CA THR B 4 -22.93 0.56 2.90
C THR B 4 -23.47 1.57 1.90
N SER B 5 -23.45 2.85 2.27
CA SER B 5 -24.00 3.90 1.44
C SER B 5 -23.00 4.37 0.38
N ARG B 6 -23.52 4.69 -0.80
CA ARG B 6 -22.72 5.18 -1.91
C ARG B 6 -23.32 6.43 -2.54
N VAL B 7 -22.45 7.35 -2.95
CA VAL B 7 -22.91 8.56 -3.62
C VAL B 7 -22.44 8.57 -5.06
N LEU B 8 -23.39 8.60 -6.00
CA LEU B 8 -23.05 8.56 -7.42
C LEU B 8 -23.61 9.78 -8.16
N LEU B 9 -22.77 10.34 -9.02
CA LEU B 9 -23.11 11.52 -9.80
C LEU B 9 -23.35 11.16 -11.26
N ILE B 10 -24.57 11.40 -11.75
CA ILE B 10 -24.85 11.13 -13.16
C ILE B 10 -24.82 12.42 -13.97
N ILE B 11 -24.02 12.44 -15.03
CA ILE B 11 -23.92 13.62 -15.89
C ILE B 11 -24.33 13.27 -17.31
N ASP B 12 -25.58 13.59 -17.66
CA ASP B 12 -26.12 13.31 -18.99
C ASP B 12 -27.20 14.34 -19.31
N ASP B 13 -27.23 14.82 -20.55
CA ASP B 13 -28.20 15.84 -20.94
C ASP B 13 -29.54 15.23 -21.34
N SER B 14 -29.68 13.92 -21.18
CA SER B 14 -30.95 13.25 -21.46
C SER B 14 -31.61 12.82 -20.15
N PRO B 15 -32.71 13.50 -19.78
CA PRO B 15 -33.43 13.23 -18.54
C PRO B 15 -33.91 11.77 -18.44
N GLU B 16 -34.31 11.19 -19.57
CA GLU B 16 -34.74 9.79 -19.59
C GLU B 16 -33.57 8.84 -19.33
N ASP B 17 -32.40 9.15 -19.89
CA ASP B 17 -31.22 8.33 -19.67
C ASP B 17 -30.79 8.39 -18.21
N ARG B 18 -30.81 9.59 -17.62
CA ARG B 18 -30.47 9.74 -16.22
C ARG B 18 -31.39 8.92 -15.33
N GLU B 19 -32.69 9.00 -15.62
CA GLU B 19 -33.69 8.25 -14.85
C GLU B 19 -33.48 6.74 -15.00
N LEU B 20 -33.13 6.32 -16.21
CA LEU B 20 -32.89 4.91 -16.50
C LEU B 20 -31.76 4.33 -15.65
N TYR B 21 -30.65 5.07 -15.60
CA TYR B 21 -29.48 4.63 -14.84
C TYR B 21 -29.77 4.66 -13.34
N ARG B 22 -30.55 5.65 -12.92
CA ARG B 22 -30.97 5.76 -11.52
C ARG B 22 -31.71 4.50 -11.10
N ARG B 23 -32.65 4.07 -11.94
CA ARG B 23 -33.43 2.87 -11.65
C ARG B 23 -32.54 1.62 -11.66
N TYR B 24 -31.51 1.64 -12.51
CA TYR B 24 -30.59 0.51 -12.62
C TYR B 24 -29.71 0.39 -11.38
N LEU B 25 -29.25 1.53 -10.87
CA LEU B 25 -28.44 1.57 -9.65
C LEU B 25 -29.23 1.09 -8.45
N LEU B 26 -30.51 1.46 -8.39
CA LEU B 26 -31.32 1.11 -7.23
C LEU B 26 -31.58 -0.39 -7.13
N ARG B 27 -31.49 -1.08 -8.26
CA ARG B 27 -31.72 -2.52 -8.28
C ARG B 27 -30.61 -3.28 -7.56
N ASP B 28 -29.42 -2.70 -7.53
CA ASP B 28 -28.32 -3.24 -6.74
C ASP B 28 -28.63 -3.12 -5.26
N ARG B 29 -28.51 -4.24 -4.53
CA ARG B 29 -28.92 -4.28 -3.14
C ARG B 29 -27.73 -4.47 -2.20
N ASP B 30 -26.53 -4.43 -2.76
CA ASP B 30 -25.31 -4.51 -1.97
C ASP B 30 -24.90 -3.14 -1.45
N HIS B 31 -25.36 -2.09 -2.14
CA HIS B 31 -25.06 -0.73 -1.74
C HIS B 31 -26.30 0.15 -1.90
N SER B 32 -26.48 1.09 -0.98
CA SER B 32 -27.57 2.06 -1.08
C SER B 32 -27.06 3.32 -1.76
N TYR B 33 -27.68 3.67 -2.89
CA TYR B 33 -27.16 4.75 -3.74
C TYR B 33 -27.89 6.08 -3.58
N THR B 34 -27.14 7.10 -3.16
CA THR B 34 -27.62 8.48 -3.28
C THR B 34 -27.23 8.98 -4.66
N VAL B 35 -28.22 9.38 -5.46
CA VAL B 35 -27.95 9.72 -6.84
C VAL B 35 -28.06 11.22 -7.12
N LEU B 36 -26.97 11.80 -7.62
CA LEU B 36 -26.98 13.21 -8.01
C LEU B 36 -26.95 13.34 -9.53
N GLU B 37 -27.63 14.35 -10.05
CA GLU B 37 -27.80 14.49 -11.49
C GLU B 37 -27.41 15.88 -11.99
N ALA B 38 -26.89 15.93 -13.21
CA ALA B 38 -26.54 17.17 -13.88
C ALA B 38 -26.68 16.99 -15.39
N GLY B 39 -27.36 17.94 -16.05
CA GLY B 39 -27.57 17.86 -17.48
C GLY B 39 -26.48 18.57 -18.27
N LEU B 40 -25.66 19.34 -17.58
CA LEU B 40 -24.58 20.09 -18.22
C LEU B 40 -23.26 19.78 -17.56
N GLY B 41 -22.17 19.85 -18.34
CA GLY B 41 -20.85 19.57 -17.83
C GLY B 41 -20.43 20.54 -16.74
N ARG B 42 -20.80 21.81 -16.91
CA ARG B 42 -20.44 22.85 -15.95
C ARG B 42 -21.01 22.56 -14.57
N ARG B 43 -22.28 22.19 -14.52
CA ARG B 43 -22.92 21.85 -13.26
C ARG B 43 -22.38 20.53 -12.74
N GLY B 44 -21.99 19.65 -13.67
CA GLY B 44 -21.40 18.37 -13.30
C GLY B 44 -20.10 18.58 -12.53
N LEU B 45 -19.21 19.39 -13.11
CA LEU B 45 -17.97 19.77 -12.44
C LEU B 45 -18.24 20.42 -11.08
N GLU B 46 -19.28 21.24 -11.04
CA GLU B 46 -19.69 21.95 -9.83
C GLU B 46 -20.10 20.97 -8.74
N LEU B 47 -20.93 20.00 -9.10
CA LEU B 47 -21.40 18.98 -8.17
C LEU B 47 -20.26 18.05 -7.73
N TRP B 48 -19.33 17.78 -8.65
CA TRP B 48 -18.16 16.98 -8.32
C TRP B 48 -17.34 17.67 -7.22
N GLN B 49 -17.13 18.97 -7.37
CA GLN B 49 -16.35 19.74 -6.41
C GLN B 49 -16.97 19.68 -5.01
N GLN B 50 -18.30 19.74 -4.96
CA GLN B 50 -19.00 19.87 -3.68
C GLN B 50 -19.24 18.56 -2.96
N HIS B 51 -19.67 17.54 -3.68
CA HIS B 51 -19.99 16.29 -3.03
C HIS B 51 -19.01 15.16 -2.99
N HIS B 52 -17.99 15.18 -3.84
CA HIS B 52 -16.99 14.13 -3.87
C HIS B 52 -17.57 12.74 -3.95
N PRO B 53 -18.34 12.47 -4.99
CA PRO B 53 -19.05 11.22 -5.22
C PRO B 53 -18.11 10.05 -5.38
N ASP B 54 -18.57 8.89 -4.98
CA ASP B 54 -17.78 7.67 -5.01
C ASP B 54 -17.55 7.20 -6.45
N ALA B 55 -18.44 7.61 -7.34
CA ALA B 55 -18.39 7.21 -8.74
C ALA B 55 -19.19 8.18 -9.61
N VAL B 56 -18.74 8.37 -10.84
CA VAL B 56 -19.37 9.31 -11.76
C VAL B 56 -19.71 8.66 -13.10
N LEU B 57 -20.96 8.81 -13.53
CA LEU B 57 -21.35 8.38 -14.87
C LEU B 57 -21.35 9.59 -15.80
N LEU B 58 -20.35 9.64 -16.67
CA LEU B 58 -20.17 10.78 -17.56
C LEU B 58 -20.56 10.47 -19.00
N ASP B 59 -21.65 11.09 -19.44
CA ASP B 59 -22.07 11.03 -20.83
C ASP B 59 -21.02 11.74 -21.68
N TYR B 60 -20.69 11.18 -22.84
CA TYR B 60 -19.68 11.78 -23.69
C TYR B 60 -20.17 13.07 -24.33
N ARG B 61 -21.37 13.04 -24.88
CA ARG B 61 -21.90 14.19 -25.62
C ARG B 61 -22.82 15.05 -24.76
N LEU B 62 -22.27 16.14 -24.24
CA LEU B 62 -23.03 17.13 -23.49
C LEU B 62 -23.16 18.39 -24.34
N PRO B 63 -24.14 19.27 -24.01
CA PRO B 63 -24.33 20.46 -24.85
C PRO B 63 -23.17 21.44 -24.76
N ASP B 64 -22.45 21.43 -23.64
CA ASP B 64 -21.43 22.44 -23.39
C ASP B 64 -20.01 21.89 -23.47
N LEU B 65 -19.87 20.58 -23.29
CA LEU B 65 -18.58 19.89 -23.36
C LEU B 65 -18.72 18.53 -24.02
N ASP B 66 -17.59 17.93 -24.39
CA ASP B 66 -17.58 16.49 -24.66
C ASP B 66 -16.89 15.80 -23.49
N GLY B 67 -16.99 14.48 -23.45
CA GLY B 67 -16.48 13.70 -22.32
C GLY B 67 -15.01 13.96 -22.03
N LEU B 68 -14.21 14.07 -23.09
CA LEU B 68 -12.77 14.27 -22.96
C LEU B 68 -12.43 15.66 -22.43
N GLU B 69 -13.15 16.66 -22.93
CA GLU B 69 -12.98 18.02 -22.46
C GLU B 69 -13.28 18.12 -20.97
N PHE B 70 -14.30 17.37 -20.52
CA PHE B 70 -14.68 17.33 -19.12
C PHE B 70 -13.54 16.83 -18.24
N LEU B 71 -13.02 15.65 -18.58
CA LEU B 71 -11.95 15.01 -17.84
C LEU B 71 -10.75 15.94 -17.65
N ALA B 72 -10.45 16.73 -18.69
CA ALA B 72 -9.32 17.65 -18.65
C ALA B 72 -9.55 18.79 -17.65
N LYS B 73 -10.81 19.13 -17.43
CA LYS B 73 -11.17 20.21 -16.51
C LYS B 73 -11.16 19.74 -15.05
N LEU B 74 -10.95 18.44 -14.85
CA LEU B 74 -10.99 17.88 -13.51
C LEU B 74 -9.68 18.04 -12.74
N GLN B 75 -9.80 18.35 -11.45
CA GLN B 75 -8.66 18.52 -10.56
C GLN B 75 -8.92 17.81 -9.24
N PRO B 76 -8.21 16.70 -8.98
CA PRO B 76 -8.37 15.92 -7.77
C PRO B 76 -7.42 16.33 -6.66
N PRO B 81 -6.94 11.38 -5.76
CA PRO B 81 -6.06 11.82 -6.84
C PRO B 81 -6.38 11.11 -8.15
N TYR B 82 -7.30 10.15 -8.07
CA TYR B 82 -7.67 9.35 -9.23
C TYR B 82 -9.17 9.40 -9.42
N LEU B 83 -9.62 9.57 -10.67
CA LEU B 83 -11.03 9.82 -10.93
C LEU B 83 -11.84 8.54 -11.11
N PRO B 84 -12.87 8.35 -10.25
CA PRO B 84 -13.78 7.20 -10.36
C PRO B 84 -14.84 7.41 -11.44
N VAL B 85 -14.39 7.80 -12.62
CA VAL B 85 -15.30 8.15 -13.72
C VAL B 85 -15.53 7.01 -14.69
N ILE B 86 -16.80 6.74 -14.98
CA ILE B 86 -17.18 5.81 -16.03
C ILE B 86 -17.76 6.58 -17.21
N MET B 87 -17.10 6.49 -18.36
CA MET B 87 -17.57 7.18 -19.54
C MET B 87 -18.69 6.39 -20.21
N ILE B 88 -19.75 7.10 -20.58
CA ILE B 88 -20.84 6.48 -21.30
C ILE B 88 -20.90 7.04 -22.72
N THR B 89 -20.70 6.17 -23.70
CA THR B 89 -20.65 6.58 -25.09
C THR B 89 -21.56 5.72 -25.96
N GLY B 90 -21.85 6.23 -27.16
CA GLY B 90 -22.69 5.51 -28.09
C GLY B 90 -21.92 4.50 -28.90
N GLN B 91 -22.61 3.49 -29.39
CA GLN B 91 -21.97 2.44 -30.17
C GLN B 91 -21.34 3.03 -31.43
N GLY B 92 -20.18 2.52 -31.81
CA GLY B 92 -19.47 3.04 -32.97
C GLY B 92 -18.43 4.09 -32.60
N ASN B 93 -18.51 4.59 -31.37
CA ASN B 93 -17.56 5.59 -30.90
C ASN B 93 -16.60 5.03 -29.87
N GLU B 94 -16.15 3.80 -30.10
CA GLU B 94 -15.21 3.15 -29.18
C GLU B 94 -13.84 3.84 -29.19
N ALA B 95 -13.55 4.61 -30.23
CA ALA B 95 -12.30 5.36 -30.31
C ALA B 95 -12.20 6.37 -29.16
N ILE B 96 -13.35 6.96 -28.81
CA ILE B 96 -13.42 7.91 -27.70
C ILE B 96 -13.16 7.22 -26.37
N ALA B 97 -13.63 5.97 -26.25
CA ALA B 97 -13.43 5.17 -25.06
C ALA B 97 -11.94 5.00 -24.73
N VAL B 98 -11.13 4.76 -25.76
CA VAL B 98 -9.70 4.56 -25.55
C VAL B 98 -9.04 5.84 -25.03
N GLN B 99 -9.40 6.97 -25.64
CA GLN B 99 -8.87 8.26 -25.22
C GLN B 99 -9.30 8.58 -23.78
N ALA B 100 -10.49 8.14 -23.43
CA ALA B 100 -11.05 8.41 -22.11
C ALA B 100 -10.25 7.72 -21.01
N MET B 101 -9.85 6.47 -21.27
CA MET B 101 -9.06 5.72 -20.32
C MET B 101 -7.72 6.39 -20.07
N LYS B 102 -7.13 6.91 -21.15
CA LYS B 102 -5.84 7.59 -21.07
C LYS B 102 -5.97 8.95 -20.40
N ALA B 103 -7.21 9.41 -20.23
CA ALA B 103 -7.45 10.73 -19.67
C ALA B 103 -7.88 10.65 -18.20
N GLY B 104 -8.07 9.44 -17.69
CA GLY B 104 -8.40 9.27 -16.29
C GLY B 104 -9.60 8.39 -15.95
N ALA B 105 -10.43 8.08 -16.95
CA ALA B 105 -11.59 7.22 -16.72
C ALA B 105 -11.20 5.81 -16.32
N GLN B 106 -11.99 5.20 -15.44
CA GLN B 106 -11.69 3.86 -14.94
C GLN B 106 -12.24 2.76 -15.84
N ASP B 107 -13.31 3.08 -16.55
CA ASP B 107 -14.02 2.12 -17.38
C ASP B 107 -14.94 2.89 -18.34
N TYR B 108 -15.56 2.19 -19.27
CA TYR B 108 -16.55 2.82 -20.13
C TYR B 108 -17.70 1.85 -20.43
N LEU B 109 -18.83 2.39 -20.84
CA LEU B 109 -19.99 1.59 -21.16
C LEU B 109 -20.59 2.06 -22.45
N VAL B 110 -21.15 1.15 -23.23
CA VAL B 110 -21.80 1.48 -24.49
C VAL B 110 -23.29 1.68 -24.25
N LYS B 111 -23.76 2.91 -24.48
CA LYS B 111 -25.10 3.35 -24.07
C LYS B 111 -26.21 2.38 -24.45
N GLU B 112 -26.14 1.80 -25.65
CA GLU B 112 -27.17 0.89 -26.12
C GLU B 112 -27.10 -0.48 -25.45
N GLN B 113 -25.92 -0.92 -25.06
CA GLN B 113 -25.80 -2.23 -24.45
C GLN B 113 -25.77 -2.21 -22.95
N ILE B 114 -26.21 -1.12 -22.36
CA ILE B 114 -26.19 -0.97 -20.91
C ILE B 114 -27.23 -1.83 -20.20
N THR B 115 -26.77 -2.75 -19.40
CA THR B 115 -27.66 -3.56 -18.62
C THR B 115 -27.43 -3.21 -17.16
N PRO B 116 -28.39 -3.50 -16.30
CA PRO B 116 -28.17 -3.19 -14.90
C PRO B 116 -27.00 -3.95 -14.32
N GLU B 117 -26.86 -5.21 -14.68
CA GLU B 117 -25.77 -6.00 -14.17
C GLU B 117 -24.44 -5.44 -14.59
N GLU B 118 -24.35 -5.04 -15.84
CA GLU B 118 -23.14 -4.49 -16.36
C GLU B 118 -22.77 -3.21 -15.67
N LEU B 119 -23.76 -2.38 -15.40
CA LEU B 119 -23.52 -1.12 -14.74
C LEU B 119 -23.00 -1.34 -13.36
N HIS B 120 -23.53 -2.31 -12.65
CA HIS B 120 -23.06 -2.57 -11.32
C HIS B 120 -21.61 -2.98 -11.30
N LEU B 121 -21.21 -3.80 -12.24
CA LEU B 121 -19.84 -4.24 -12.28
C LEU B 121 -18.89 -3.12 -12.51
N ALA B 122 -19.25 -2.22 -13.39
CA ALA B 122 -18.41 -1.09 -13.71
C ALA B 122 -18.29 -0.15 -12.55
N VAL B 123 -19.38 0.12 -11.87
CA VAL B 123 -19.33 1.03 -10.73
C VAL B 123 -18.49 0.42 -9.60
N ASN B 124 -18.70 -0.87 -9.35
CA ASN B 124 -17.89 -1.60 -8.39
C ASN B 124 -16.40 -1.54 -8.74
N GLY B 125 -16.09 -1.88 -9.98
CA GLY B 125 -14.71 -1.90 -10.44
C GLY B 125 -14.03 -0.56 -10.37
N ALA B 126 -14.76 0.50 -10.70
CA ALA B 126 -14.23 1.86 -10.69
C ALA B 126 -13.88 2.28 -9.28
N ILE B 127 -14.80 2.04 -8.34
CA ILE B 127 -14.56 2.34 -6.94
C ILE B 127 -13.45 1.45 -6.37
N GLU B 128 -13.43 0.19 -6.81
CA GLU B 128 -12.42 -0.77 -6.37
C GLU B 128 -11.02 -0.32 -6.78
N THR B 129 -10.86 0.01 -8.06
CA THR B 129 -9.56 0.39 -8.61
C THR B 129 -9.05 1.70 -8.00
N VAL B 130 -9.92 2.69 -7.92
CA VAL B 130 -9.58 3.98 -7.32
C VAL B 130 -9.16 3.81 -5.86
N HIS B 131 -9.88 2.95 -5.15
CA HIS B 131 -9.54 2.64 -3.76
C HIS B 131 -8.14 2.06 -3.64
N LEU B 132 -7.80 1.12 -4.52
CA LEU B 132 -6.48 0.47 -4.51
C LEU B 132 -5.35 1.48 -4.71
N ARG B 133 -5.50 2.38 -5.68
CA ARG B 133 -4.48 3.40 -5.93
C ARG B 133 -4.35 4.36 -4.74
N THR B 134 -5.47 4.70 -4.12
CA THR B 134 -5.49 5.59 -2.97
C THR B 134 -4.78 4.95 -1.78
N GLN B 135 -5.05 3.67 -1.54
CA GLN B 135 -4.36 2.94 -0.48
C GLN B 135 -2.86 2.84 -0.78
N LEU B 136 -2.50 2.50 -2.01
CA LEU B 136 -1.10 2.43 -2.40
C LEU B 136 -0.39 3.77 -2.19
N HIS B 137 -1.02 4.84 -2.64
CA HIS B 137 -0.46 6.19 -2.49
C HIS B 137 -0.32 6.56 -1.02
N GLN B 138 -1.31 6.19 -0.21
CA GLN B 138 -1.28 6.47 1.21
C GLN B 138 -0.17 5.70 1.90
N ARG B 139 0.02 4.45 1.50
CA ARG B 139 1.05 3.62 2.14
C ARG B 139 2.44 4.14 1.80
N ILE B 140 2.64 4.58 0.57
CA ILE B 140 3.91 5.18 0.17
C ILE B 140 4.20 6.41 1.00
N GLU B 141 3.20 7.28 1.18
CA GLU B 141 3.35 8.48 1.98
C GLU B 141 3.55 8.13 3.45
N ARG B 142 2.80 7.13 3.92
CA ARG B 142 2.90 6.67 5.29
C ARG B 142 4.32 6.18 5.62
N GLU B 143 4.90 5.42 4.70
CA GLU B 143 6.25 4.89 4.87
C GLU B 143 7.30 6.01 4.94
N ARG B 144 7.08 7.09 4.19
CA ARG B 144 7.99 8.22 4.20
C ARG B 144 8.04 8.90 5.55
N VAL B 145 6.87 8.99 6.20
CA VAL B 145 6.78 9.61 7.51
C VAL B 145 7.48 8.75 8.57
N VAL B 146 7.24 7.44 8.52
CA VAL B 146 7.89 6.53 9.46
C VAL B 146 9.40 6.54 9.28
N SER B 147 9.85 6.65 8.03
CA SER B 147 11.26 6.65 7.72
C SER B 147 11.98 7.91 8.22
N GLN B 148 11.30 9.06 8.10
CA GLN B 148 11.87 10.33 8.55
C GLN B 148 12.09 10.35 10.05
N ILE B 149 11.10 9.88 10.79
CA ILE B 149 11.21 9.81 12.23
C ILE B 149 12.25 8.77 12.62
N THR B 150 12.35 7.70 11.84
CA THR B 150 13.36 6.68 12.09
C THR B 150 14.75 7.26 11.89
N GLN B 151 14.89 8.07 10.85
CA GLN B 151 16.17 8.71 10.56
C GLN B 151 16.61 9.65 11.68
N LYS B 152 15.70 10.52 12.12
CA LYS B 152 16.03 11.52 13.13
C LYS B 152 16.36 10.92 14.49
N ILE B 153 15.72 9.81 14.84
CA ILE B 153 16.05 9.11 16.07
C ILE B 153 17.47 8.54 16.01
N HIS B 154 17.84 8.03 14.85
CA HIS B 154 19.16 7.47 14.64
C HIS B 154 20.25 8.53 14.68
N GLN B 155 19.89 9.76 14.33
CA GLN B 155 20.85 10.84 14.21
C GLN B 155 21.02 11.59 15.54
N THR B 156 19.91 11.99 16.15
CA THR B 156 19.97 12.77 17.37
C THR B 156 19.05 12.21 18.45
N LEU B 157 19.37 12.53 19.70
CA LEU B 157 18.56 12.12 20.84
C LEU B 157 17.77 13.33 21.37
N ASP B 158 17.60 14.33 20.51
CA ASP B 158 16.91 15.56 20.88
C ASP B 158 15.39 15.39 20.81
N LEU B 159 14.78 15.22 21.98
CA LEU B 159 13.36 14.91 22.09
C LEU B 159 12.44 15.92 21.42
N GLU B 160 12.58 17.19 21.77
CA GLU B 160 11.64 18.21 21.32
C GLU B 160 11.68 18.37 19.80
N GLU B 161 12.84 18.10 19.21
CA GLU B 161 12.97 18.20 17.75
C GLU B 161 12.37 16.98 17.06
N ILE B 162 12.55 15.82 17.68
CA ILE B 162 11.95 14.59 17.20
C ILE B 162 10.43 14.69 17.32
N LEU B 163 9.97 15.18 18.46
CA LEU B 163 8.55 15.42 18.70
C LEU B 163 7.99 16.41 17.67
N GLN B 164 8.71 17.51 17.47
CA GLN B 164 8.30 18.54 16.51
C GLN B 164 8.17 17.98 15.10
N THR B 165 9.19 17.27 14.65
CA THR B 165 9.16 16.64 13.32
C THR B 165 7.98 15.68 13.22
N THR B 166 7.76 14.89 14.27
CA THR B 166 6.67 13.93 14.30
C THR B 166 5.31 14.61 14.13
N VAL B 167 5.00 15.51 15.06
CA VAL B 167 3.74 16.25 15.06
C VAL B 167 3.49 16.94 13.72
N THR B 168 4.49 17.63 13.22
CA THR B 168 4.40 18.35 11.95
C THR B 168 4.10 17.38 10.80
N GLU B 169 4.77 16.23 10.81
CA GLU B 169 4.67 15.29 9.70
C GLU B 169 3.32 14.60 9.63
N VAL B 170 2.79 14.20 10.79
CA VAL B 170 1.53 13.45 10.79
C VAL B 170 0.32 14.34 10.55
N ARG B 171 0.46 15.63 10.84
CA ARG B 171 -0.62 16.57 10.59
C ARG B 171 -0.78 16.77 9.10
N GLN B 172 0.34 16.81 8.39
CA GLN B 172 0.33 16.99 6.95
C GLN B 172 -0.17 15.74 6.24
N PHE B 173 0.23 14.57 6.73
CA PHE B 173 -0.20 13.31 6.12
C PHE B 173 -1.69 13.10 6.27
N LEU B 174 -2.18 13.24 7.50
CA LEU B 174 -3.59 13.05 7.78
C LEU B 174 -4.41 14.22 7.23
N GLN B 175 -3.73 15.33 6.96
CA GLN B 175 -4.38 16.60 6.64
C GLN B 175 -5.38 16.96 7.72
N ALA B 176 -4.92 16.83 8.97
CA ALA B 176 -5.74 17.14 10.13
C ALA B 176 -5.61 18.60 10.49
N ASP B 177 -6.55 19.09 11.30
CA ASP B 177 -6.58 20.49 11.69
C ASP B 177 -5.62 20.77 12.86
N ARG B 178 -5.40 19.77 13.70
CA ARG B 178 -4.51 19.94 14.84
C ARG B 178 -3.89 18.63 15.33
N VAL B 179 -2.59 18.65 15.55
CA VAL B 179 -1.89 17.56 16.22
C VAL B 179 -1.05 18.16 17.34
N PHE B 180 -1.09 17.56 18.53
CA PHE B 180 -0.27 18.04 19.62
C PHE B 180 0.17 16.90 20.56
N VAL B 181 1.21 17.17 21.33
CA VAL B 181 1.71 16.21 22.32
C VAL B 181 1.39 16.68 23.73
N TYR B 182 0.77 15.79 24.51
CA TYR B 182 0.31 16.11 25.86
C TYR B 182 1.15 15.39 26.90
N ARG B 183 2.15 16.08 27.44
CA ARG B 183 3.08 15.46 28.38
C ARG B 183 2.51 15.43 29.81
N PHE B 184 2.75 14.35 30.53
CA PHE B 184 2.27 14.24 31.90
C PHE B 184 3.30 14.70 32.91
N GLN B 185 2.82 15.23 34.03
CA GLN B 185 3.68 15.56 35.16
C GLN B 185 3.66 14.36 36.09
N PRO B 186 4.59 14.29 37.06
CA PRO B 186 4.59 13.19 38.03
C PRO B 186 3.25 12.98 38.75
N ASP B 187 2.51 14.06 38.96
CA ASP B 187 1.21 13.97 39.63
C ASP B 187 0.12 13.66 38.60
N PHE B 188 0.55 13.31 37.39
CA PHE B 188 -0.32 13.00 36.27
C PHE B 188 -1.27 14.14 35.93
N SER B 189 -0.78 15.36 36.17
CA SER B 189 -1.35 16.55 35.55
C SER B 189 -0.75 16.64 34.17
N GLY B 190 -1.49 17.20 33.21
CA GLY B 190 -1.00 17.27 31.85
C GLY B 190 -0.71 18.68 31.38
N ILE B 191 0.03 18.79 30.29
CA ILE B 191 0.37 20.08 29.72
C ILE B 191 0.83 19.93 28.26
N VAL B 192 0.14 20.61 27.36
CA VAL B 192 0.47 20.56 25.94
C VAL B 192 1.85 21.19 25.71
N VAL B 193 2.81 20.34 25.36
CA VAL B 193 4.20 20.78 25.20
C VAL B 193 4.54 21.14 23.76
N LEU B 194 3.88 20.48 22.80
CA LEU B 194 4.08 20.81 21.39
C LEU B 194 2.74 20.83 20.66
N GLU B 195 2.66 21.57 19.56
CA GLU B 195 1.42 21.67 18.80
C GLU B 195 1.63 22.12 17.36
N SER B 196 0.99 21.43 16.43
CA SER B 196 0.94 21.87 15.03
C SER B 196 -0.50 22.03 14.60
N VAL B 197 -0.87 23.23 14.16
CA VAL B 197 -2.26 23.57 13.91
C VAL B 197 -2.42 24.54 12.74
N GLY B 198 -3.52 24.39 12.01
CA GLY B 198 -3.90 25.32 10.97
C GLY B 198 -4.75 26.43 11.54
N ASP B 199 -5.58 27.04 10.71
CA ASP B 199 -6.46 28.11 11.20
C ASP B 199 -7.85 27.58 11.52
N ASN B 200 -8.16 26.38 11.04
CA ASN B 200 -9.45 25.76 11.32
C ASN B 200 -9.63 25.47 12.81
N CYS B 201 -8.54 25.39 13.54
CA CYS B 201 -8.68 25.13 14.96
C CYS B 201 -7.89 26.21 15.67
N VAL B 202 -8.47 26.79 16.72
CA VAL B 202 -7.77 27.82 17.45
C VAL B 202 -6.67 27.18 18.26
N PRO B 203 -5.47 27.77 18.24
CA PRO B 203 -4.32 27.19 18.92
C PRO B 203 -4.56 27.05 20.38
N VAL B 204 -4.15 25.93 20.92
CA VAL B 204 -4.30 25.65 22.32
C VAL B 204 -2.97 25.56 23.03
N ILE B 205 -1.91 25.91 22.31
CA ILE B 205 -0.58 25.83 22.88
C ILE B 205 -0.30 26.69 24.09
N ASP B 206 -0.84 27.89 24.16
CA ASP B 206 -0.61 28.72 25.34
C ASP B 206 -1.86 28.89 26.17
N ALA B 207 -2.99 28.49 25.61
CA ALA B 207 -4.26 28.70 26.27
C ALA B 207 -4.84 27.49 26.97
N GLN B 208 -4.03 26.51 27.27
CA GLN B 208 -4.57 25.29 27.87
C GLN B 208 -5.34 25.48 29.14
N VAL B 209 -6.47 24.81 29.18
CA VAL B 209 -7.29 24.80 30.36
C VAL B 209 -6.74 23.54 30.98
N GLU B 210 -6.26 23.63 32.19
CA GLU B 210 -5.68 22.47 32.84
C GLU B 210 -6.78 21.53 33.31
N ASP B 211 -6.89 20.39 32.63
CA ASP B 211 -7.85 19.36 32.99
C ASP B 211 -7.18 18.34 33.89
N GLN B 212 -7.84 18.01 34.99
CA GLN B 212 -7.28 17.09 35.97
C GLN B 212 -8.05 15.77 36.10
N TYR B 213 -8.56 15.25 34.98
CA TYR B 213 -9.26 13.97 35.03
C TYR B 213 -8.31 12.85 35.42
N PHE B 214 -7.07 12.96 34.97
CA PHE B 214 -6.13 11.86 35.05
C PHE B 214 -5.45 11.70 36.41
N VAL B 215 -5.68 12.63 37.34
CA VAL B 215 -5.00 12.53 38.64
C VAL B 215 -5.59 11.41 39.49
N GLU B 216 -6.89 11.15 39.33
CA GLU B 216 -7.54 10.06 40.04
C GLU B 216 -7.22 8.73 39.37
N THR B 217 -7.24 8.73 38.04
CA THR B 217 -7.08 7.51 37.27
C THR B 217 -5.61 7.15 37.02
N ARG B 218 -4.76 8.17 36.98
CA ARG B 218 -3.35 8.01 36.61
C ARG B 218 -3.21 7.36 35.22
N GLY B 219 -4.22 7.56 34.38
CA GLY B 219 -4.20 7.11 33.00
C GLY B 219 -3.80 5.67 32.79
N GLU B 220 -4.24 4.80 33.70
CA GLU B 220 -3.92 3.37 33.66
C GLU B 220 -4.45 2.71 32.40
N ASP B 221 -5.64 3.13 31.97
CA ASP B 221 -6.24 2.61 30.75
C ASP B 221 -5.36 2.93 29.55
N TYR B 222 -4.94 4.19 29.45
CA TYR B 222 -4.03 4.62 28.39
C TYR B 222 -2.66 3.96 28.54
N ARG B 223 -2.27 3.70 29.78
CA ARG B 223 -0.97 3.10 30.06
C ARG B 223 -0.90 1.67 29.52
N GLN B 224 -2.04 1.00 29.42
CA GLN B 224 -2.06 -0.36 28.89
C GLN B 224 -2.09 -0.31 27.36
N GLY B 225 -2.59 0.79 26.81
CA GLY B 225 -2.57 0.98 25.38
C GLY B 225 -3.91 1.36 24.77
N ARG B 226 -4.80 1.87 25.62
CA ARG B 226 -6.12 2.31 25.16
C ARG B 226 -5.97 3.43 24.15
N ILE B 227 -6.78 3.39 23.10
CA ILE B 227 -6.76 4.41 22.08
C ILE B 227 -8.15 4.96 21.86
N GLN B 228 -8.27 6.28 21.77
CA GLN B 228 -9.56 6.88 21.51
C GLN B 228 -9.64 7.34 20.06
N ALA B 229 -10.63 6.83 19.34
CA ALA B 229 -10.90 7.25 17.98
C ALA B 229 -12.36 7.66 17.84
N VAL B 230 -12.63 8.94 18.07
CA VAL B 230 -13.99 9.48 18.01
C VAL B 230 -14.21 10.30 16.75
N ALA B 231 -15.18 9.90 15.94
CA ALA B 231 -15.49 10.59 14.70
C ALA B 231 -16.24 11.90 14.94
N ASP B 232 -17.15 11.88 15.91
CA ASP B 232 -17.97 13.05 16.25
C ASP B 232 -18.18 13.08 17.76
N ILE B 233 -17.64 14.12 18.41
CA ILE B 233 -17.75 14.25 19.86
C ILE B 233 -19.20 14.36 20.33
N TYR B 234 -20.10 14.76 19.44
CA TYR B 234 -21.48 14.97 19.81
C TYR B 234 -22.31 13.69 19.67
N THR B 235 -21.73 12.67 19.05
CA THR B 235 -22.45 11.42 18.83
C THR B 235 -21.69 10.24 19.44
N ALA B 236 -20.65 10.53 20.21
CA ALA B 236 -19.77 9.49 20.74
C ALA B 236 -20.19 9.00 22.12
N GLY B 237 -21.20 9.63 22.70
CA GLY B 237 -21.67 9.23 24.01
C GLY B 237 -20.70 9.61 25.11
N LEU B 238 -19.95 10.68 24.89
CA LEU B 238 -19.03 11.20 25.89
C LEU B 238 -19.79 11.82 27.05
N THR B 239 -19.11 11.99 28.18
CA THR B 239 -19.73 12.64 29.33
C THR B 239 -19.87 14.14 29.05
N GLU B 240 -20.95 14.73 29.52
CA GLU B 240 -21.33 16.10 29.17
C GLU B 240 -20.23 17.14 29.38
N CYS B 241 -19.47 16.97 30.46
CA CYS B 241 -18.38 17.88 30.77
C CYS B 241 -17.22 17.69 29.80
N HIS B 242 -17.02 16.46 29.34
CA HIS B 242 -15.93 16.16 28.40
C HIS B 242 -16.18 16.74 27.01
N VAL B 243 -17.38 16.53 26.48
CA VAL B 243 -17.70 17.06 25.15
C VAL B 243 -17.63 18.58 25.15
N ASN B 244 -18.07 19.21 26.24
CA ASN B 244 -18.05 20.66 26.32
C ASN B 244 -16.63 21.22 26.29
N LEU B 245 -15.70 20.53 26.94
CA LEU B 245 -14.29 20.96 26.91
C LEU B 245 -13.73 20.91 25.50
N LEU B 246 -13.98 19.80 24.81
CA LEU B 246 -13.54 19.65 23.42
C LEU B 246 -14.25 20.66 22.53
N ALA B 247 -15.53 20.92 22.83
CA ALA B 247 -16.33 21.86 22.05
C ALA B 247 -15.81 23.29 22.20
N GLN B 248 -15.24 23.59 23.37
CA GLN B 248 -14.69 24.90 23.66
C GLN B 248 -13.55 25.24 22.69
N PHE B 249 -12.83 24.20 22.29
CA PHE B 249 -11.71 24.33 21.41
C PHE B 249 -12.04 23.86 20.02
N HIS B 250 -13.31 23.92 19.71
CA HIS B 250 -13.84 23.59 18.38
C HIS B 250 -13.45 22.19 17.91
N ILE B 251 -13.11 21.31 18.84
CA ILE B 251 -12.74 19.94 18.48
C ILE B 251 -13.96 19.12 18.09
N ARG B 252 -13.97 18.64 16.86
CA ARG B 252 -15.09 17.85 16.36
C ARG B 252 -14.78 16.35 16.34
N ALA B 253 -13.60 16.00 15.84
CA ALA B 253 -13.17 14.60 15.82
C ALA B 253 -11.89 14.42 16.63
N ASN B 254 -11.79 13.30 17.34
CA ASN B 254 -10.70 13.11 18.30
C ASN B 254 -9.97 11.79 18.14
N LEU B 255 -8.65 11.84 18.08
CA LEU B 255 -7.82 10.64 17.97
C LEU B 255 -6.65 10.70 18.95
N VAL B 256 -6.70 9.86 19.97
CA VAL B 256 -5.70 9.91 21.04
C VAL B 256 -4.92 8.60 21.14
N VAL B 257 -3.61 8.70 21.03
CA VAL B 257 -2.73 7.54 21.13
C VAL B 257 -1.71 7.76 22.24
N PRO B 258 -1.61 6.81 23.17
CA PRO B 258 -0.69 6.94 24.31
C PRO B 258 0.78 6.84 23.92
N ILE B 259 1.59 7.74 24.45
CA ILE B 259 3.04 7.69 24.30
C ILE B 259 3.65 7.09 25.57
N LEU B 260 4.33 5.97 25.47
CA LEU B 260 4.86 5.34 26.66
C LEU B 260 6.35 5.17 26.73
N HIS B 261 6.93 5.56 27.84
CA HIS B 261 8.34 5.40 28.04
C HIS B 261 8.40 4.17 28.89
N ALA B 262 9.12 3.17 28.42
CA ALA B 262 9.23 1.89 29.10
C ALA B 262 7.82 1.39 29.28
N ASP B 263 7.44 1.09 30.50
CA ASP B 263 6.10 0.60 30.74
C ASP B 263 5.24 1.64 31.45
N ALA B 264 5.72 2.87 31.55
CA ALA B 264 4.96 3.90 32.23
C ALA B 264 4.36 4.93 31.31
N LEU B 265 3.14 5.34 31.57
CA LEU B 265 2.53 6.33 30.69
C LEU B 265 3.26 7.66 30.76
N TRP B 266 3.70 8.15 29.61
CA TRP B 266 4.48 9.38 29.54
C TRP B 266 3.64 10.56 29.04
N GLY B 267 2.84 10.31 28.01
CA GLY B 267 2.03 11.35 27.43
C GLY B 267 1.08 10.87 26.36
N LEU B 268 0.48 11.80 25.64
CA LEU B 268 -0.51 11.48 24.62
C LEU B 268 -0.25 12.19 23.31
N LEU B 269 -0.28 11.42 22.22
CA LEU B 269 -0.24 11.99 20.87
C LEU B 269 -1.67 12.17 20.40
N VAL B 270 -2.11 13.42 20.26
CA VAL B 270 -3.52 13.68 19.97
C VAL B 270 -3.72 14.35 18.62
N VAL B 271 -4.69 13.85 17.86
CA VAL B 271 -5.05 14.44 16.58
C VAL B 271 -6.50 14.94 16.61
N ASN B 272 -6.71 16.19 16.19
CA ASN B 272 -8.04 16.77 16.15
C ASN B 272 -8.50 17.15 14.74
N GLN B 273 -9.78 16.93 14.46
CA GLN B 273 -10.43 17.53 13.31
C GLN B 273 -11.44 18.53 13.83
N CYS B 274 -11.38 19.77 13.35
CA CYS B 274 -12.20 20.83 13.92
C CYS B 274 -13.21 21.40 12.93
N SER B 275 -12.98 21.17 11.64
CA SER B 275 -13.86 21.68 10.60
C SER B 275 -15.10 20.81 10.42
N ALA B 276 -14.95 19.52 10.67
CA ALA B 276 -16.02 18.55 10.45
C ALA B 276 -15.72 17.24 11.17
N PRO B 277 -16.76 16.39 11.36
CA PRO B 277 -16.53 15.04 11.88
C PRO B 277 -15.65 14.22 10.96
N ARG B 278 -14.79 13.38 11.52
CA ARG B 278 -13.85 12.61 10.71
C ARG B 278 -13.70 11.17 11.19
N GLN B 279 -14.02 10.22 10.32
CA GLN B 279 -13.86 8.80 10.64
C GLN B 279 -12.38 8.41 10.56
N TRP B 280 -11.83 7.91 11.66
CA TRP B 280 -10.43 7.57 11.68
C TRP B 280 -10.20 6.17 11.13
N GLN B 281 -9.41 6.09 10.07
CA GLN B 281 -9.18 4.83 9.37
C GLN B 281 -8.12 3.98 10.06
N PRO B 282 -8.25 2.65 9.97
CA PRO B 282 -7.31 1.68 10.54
C PRO B 282 -5.87 1.98 10.15
N LEU B 283 -5.63 2.28 8.88
CA LEU B 283 -4.31 2.62 8.40
C LEU B 283 -3.78 3.84 9.15
N GLU B 284 -4.63 4.87 9.28
CA GLU B 284 -4.26 6.10 9.97
C GLU B 284 -3.95 5.83 11.44
N ILE B 285 -4.82 5.07 12.08
CA ILE B 285 -4.63 4.66 13.48
C ILE B 285 -3.32 3.90 13.65
N ASP B 286 -3.08 2.95 12.75
CA ASP B 286 -1.86 2.15 12.75
C ASP B 286 -0.62 3.04 12.65
N LEU B 287 -0.73 4.08 11.84
CA LEU B 287 0.38 5.00 11.67
C LEU B 287 0.72 5.68 13.00
N LEU B 288 -0.29 6.17 13.70
CA LEU B 288 -0.07 6.83 14.99
C LEU B 288 0.47 5.87 16.03
N LYS B 289 0.01 4.62 16.00
CA LYS B 289 0.48 3.60 16.92
C LYS B 289 1.98 3.35 16.77
N GLU B 290 2.42 3.24 15.52
CA GLU B 290 3.84 3.01 15.24
C GLU B 290 4.67 4.22 15.67
N LEU B 291 4.17 5.41 15.39
CA LEU B 291 4.91 6.63 15.73
C LEU B 291 5.02 6.84 17.24
N ALA B 292 3.98 6.46 17.97
CA ALA B 292 4.04 6.54 19.43
C ALA B 292 5.10 5.59 19.96
N THR B 293 5.21 4.43 19.33
CA THR B 293 6.22 3.44 19.68
C THR B 293 7.62 3.99 19.38
N GLN B 294 7.74 4.70 18.27
CA GLN B 294 9.00 5.33 17.90
C GLN B 294 9.38 6.42 18.89
N LEU B 295 8.38 7.20 19.32
CA LEU B 295 8.62 8.26 20.29
C LEU B 295 9.06 7.67 21.63
N GLY B 296 8.49 6.53 21.99
CA GLY B 296 8.87 5.82 23.19
C GLY B 296 10.33 5.39 23.15
N ILE B 297 10.78 4.97 21.96
CA ILE B 297 12.18 4.60 21.76
C ILE B 297 13.09 5.80 21.95
N ALA B 298 12.67 6.93 21.39
CA ALA B 298 13.41 8.19 21.54
C ALA B 298 13.46 8.60 22.99
N LEU B 299 12.33 8.41 23.69
CA LEU B 299 12.23 8.69 25.11
C LEU B 299 13.21 7.83 25.92
N GLN B 300 13.35 6.58 25.51
CA GLN B 300 14.22 5.66 26.22
C GLN B 300 15.66 6.01 26.13
N GLN B 301 16.11 6.38 24.95
CA GLN B 301 17.52 6.71 24.74
C GLN B 301 17.86 8.07 25.32
N ALA B 302 16.90 8.99 25.27
CA ALA B 302 17.09 10.34 25.81
C ALA B 302 17.19 10.30 27.34
N GLU B 303 16.44 9.37 27.94
CA GLU B 303 16.44 9.20 29.39
C GLU B 303 17.73 8.52 29.84
N LEU B 304 18.18 7.55 29.07
CA LEU B 304 19.45 6.87 29.35
C LEU B 304 20.63 7.79 29.09
N TYR B 305 20.46 8.73 28.16
CA TYR B 305 21.51 9.68 27.82
C TYR B 305 21.84 10.58 29.01
N GLN B 306 20.83 10.92 29.79
CA GLN B 306 21.01 11.78 30.96
C GLN B 306 21.74 11.03 32.08
N GLN B 307 21.48 9.74 32.20
CA GLN B 307 22.15 8.91 33.20
C GLN B 307 23.14 7.95 32.53
#